data_1FPU
#
_entry.id   1FPU
#
_cell.length_a   110.7
_cell.length_b   146.1
_cell.length_c   152.8
_cell.angle_alpha   90.00
_cell.angle_beta   90.00
_cell.angle_gamma   90.00
#
_symmetry.space_group_name_H-M   'F 2 2 2'
#
loop_
_entity.id
_entity.type
_entity.pdbx_description
1 polymer 'PROTO-ONCOGENE TYROSINE-PROTEIN KINASE ABL'
2 non-polymer N-[4-METHYL-3-[[4-(3-PYRIDINYL)-2-PYRIMIDINYL]AMINO]PHENYL]-3-PYRIDINECARBOXAMIDE
3 water water
#
_entity_poly.entity_id   1
_entity_poly.type   'polypeptide(L)'
_entity_poly.pdbx_seq_one_letter_code
;GAMDPSSPNYDKWEMERTDITMKHKLGGGQYGEVYEGVWKKYSLTVAVKTLKEDTMEVEEFLKEAAVMKEIKHPNLVQLL
GVCTREPPFYIITEFMTYGNLLDYLRECNRQEVSAVVLLYMATQISSAMEYLEKKNFIHRDLAARNCLVGENHLVKVADF
GLSRLMTGDTYTAHAGAKFPIKWTAPESLAYNKFSIKSDVWAFGVLLWEIATYGMSPYPGIDLSQVYELLEKDYRMERPE
GCPEKVYELMRACWQWNPSDRPSFAEIHQAFETMFQESSISDEVEKELGKRGT
;
_entity_poly.pdbx_strand_id   A,B
#
loop_
_chem_comp.id
_chem_comp.type
_chem_comp.name
_chem_comp.formula
PRC non-polymer N-[4-METHYL-3-[[4-(3-PYRIDINYL)-2-PYRIMIDINYL]AMINO]PHENYL]-3-PYRIDINECARBOXAMIDE 'C22 H18 N6 O'
#
# COMPACT_ATOMS: atom_id res chain seq x y z
N MET A 3 32.19 21.90 -36.47
CA MET A 3 33.50 22.60 -36.60
C MET A 3 34.47 21.94 -37.59
N ASP A 4 35.60 22.60 -37.85
CA ASP A 4 36.60 22.11 -38.80
C ASP A 4 37.60 21.10 -38.26
N PRO A 5 37.80 20.00 -39.00
CA PRO A 5 38.74 18.93 -38.60
C PRO A 5 40.12 19.50 -38.39
N SER A 6 40.32 20.71 -38.90
CA SER A 6 41.58 21.44 -38.75
C SER A 6 41.38 22.37 -37.56
N SER A 7 41.78 21.89 -36.37
CA SER A 7 41.64 22.66 -35.14
C SER A 7 41.84 21.76 -33.94
N PRO A 8 42.47 22.29 -32.91
CA PRO A 8 42.70 21.52 -31.70
C PRO A 8 41.35 21.22 -31.06
N ASN A 9 41.23 20.02 -30.51
CA ASN A 9 39.99 19.59 -29.85
C ASN A 9 38.80 19.54 -30.80
N TYR A 10 39.04 19.19 -32.07
CA TYR A 10 37.93 19.07 -33.00
C TYR A 10 37.03 18.06 -32.33
N ASP A 11 35.73 18.26 -32.40
CA ASP A 11 34.78 17.34 -31.81
C ASP A 11 33.70 17.02 -32.82
N LYS A 12 33.67 15.78 -33.30
CA LYS A 12 32.69 15.37 -34.30
C LYS A 12 31.26 15.49 -33.79
N TRP A 13 31.08 15.44 -32.46
CA TRP A 13 29.76 15.52 -31.85
C TRP A 13 29.20 16.95 -31.82
N GLU A 14 30.07 17.96 -31.85
CA GLU A 14 29.60 19.35 -31.82
C GLU A 14 28.81 19.62 -33.09
N MET A 15 27.68 20.32 -32.97
CA MET A 15 26.86 20.65 -34.12
C MET A 15 26.37 22.08 -33.97
N GLU A 16 25.76 22.62 -35.01
CA GLU A 16 25.27 24.00 -34.96
C GLU A 16 23.80 24.13 -34.55
N ARG A 17 23.56 24.93 -33.51
CA ARG A 17 22.22 25.17 -32.98
C ARG A 17 21.20 25.52 -34.04
N THR A 18 21.60 26.38 -34.97
CA THR A 18 20.71 26.81 -36.04
C THR A 18 20.17 25.65 -36.87
N ASP A 19 20.80 24.48 -36.72
CA ASP A 19 20.40 23.29 -37.44
C ASP A 19 19.18 22.62 -36.80
N ILE A 20 18.82 23.06 -35.60
CA ILE A 20 17.69 22.48 -34.88
C ILE A 20 16.62 23.50 -34.56
N THR A 21 15.36 23.09 -34.72
CA THR A 21 14.21 23.93 -34.43
C THR A 21 13.69 23.50 -33.06
N MET A 22 13.65 24.44 -32.12
CA MET A 22 13.15 24.15 -30.77
C MET A 22 11.65 24.30 -30.67
N LYS A 23 11.01 23.38 -29.95
CA LYS A 23 9.57 23.41 -29.75
C LYS A 23 9.36 23.66 -28.26
N HIS A 24 8.53 22.84 -27.62
CA HIS A 24 8.29 22.98 -26.19
C HIS A 24 8.69 21.68 -25.50
N LYS A 25 8.88 21.78 -24.19
CA LYS A 25 9.30 20.64 -23.37
C LYS A 25 8.59 19.35 -23.70
N LEU A 26 9.17 18.24 -23.24
CA LEU A 26 8.57 16.94 -23.43
C LEU A 26 7.74 16.69 -22.18
N GLY A 27 6.42 16.65 -22.35
CA GLY A 27 5.50 16.49 -21.23
C GLY A 27 5.39 15.20 -20.46
N GLY A 28 5.93 14.13 -21.02
CA GLY A 28 5.85 12.83 -20.35
C GLY A 28 6.59 12.78 -19.03
N GLY A 29 5.84 12.79 -17.95
CA GLY A 29 6.47 12.73 -16.65
C GLY A 29 7.30 13.97 -16.47
N GLN A 30 7.51 14.65 -17.61
CA GLN A 30 8.30 15.89 -17.77
C GLN A 30 9.62 15.82 -17.10
N TYR A 31 10.59 15.92 -18.02
CA TYR A 31 11.98 15.81 -17.73
C TYR A 31 12.74 17.09 -17.44
N GLY A 32 12.02 18.16 -17.13
CA GLY A 32 12.67 19.43 -16.83
C GLY A 32 12.94 20.25 -18.08
N GLU A 33 14.21 20.55 -18.33
CA GLU A 33 14.59 21.34 -19.47
C GLU A 33 14.89 20.58 -20.76
N VAL A 34 14.04 19.62 -21.10
CA VAL A 34 14.24 18.85 -22.31
C VAL A 34 13.11 19.17 -23.28
N TYR A 35 13.47 19.56 -24.50
CA TYR A 35 12.45 19.93 -25.49
C TYR A 35 12.44 19.01 -26.70
N GLU A 36 11.32 19.05 -27.41
CA GLU A 36 11.17 18.30 -28.64
C GLU A 36 11.74 19.26 -29.66
N GLY A 37 12.51 18.74 -30.60
CA GLY A 37 13.09 19.60 -31.60
C GLY A 37 13.11 18.89 -32.94
N VAL A 38 13.52 19.61 -33.98
CA VAL A 38 13.60 19.02 -35.30
C VAL A 38 14.98 19.29 -35.89
N TRP A 39 15.58 18.27 -36.47
CA TRP A 39 16.88 18.40 -37.10
C TRP A 39 16.59 18.62 -38.59
N LYS A 40 16.32 19.88 -38.93
CA LYS A 40 16.00 20.30 -40.31
C LYS A 40 16.59 19.38 -41.37
N LYS A 41 17.91 19.31 -41.42
CA LYS A 41 18.63 18.49 -42.40
C LYS A 41 17.93 17.19 -42.73
N TYR A 42 17.69 16.36 -41.72
CA TYR A 42 17.06 15.07 -41.92
C TYR A 42 15.56 15.06 -41.57
N SER A 43 15.02 16.23 -41.24
CA SER A 43 13.60 16.33 -40.89
C SER A 43 13.27 15.37 -39.75
N LEU A 44 14.24 15.17 -38.85
CA LEU A 44 14.08 14.27 -37.72
C LEU A 44 13.65 14.98 -36.45
N THR A 45 12.70 14.37 -35.73
CA THR A 45 12.29 14.92 -34.45
C THR A 45 13.36 14.40 -33.50
N VAL A 46 13.83 15.24 -32.61
CA VAL A 46 14.87 14.84 -31.65
C VAL A 46 14.54 15.36 -30.26
N ALA A 47 15.28 14.87 -29.29
CA ALA A 47 15.11 15.31 -27.91
C ALA A 47 16.33 16.16 -27.60
N VAL A 48 16.13 17.33 -27.01
CA VAL A 48 17.23 18.22 -26.70
C VAL A 48 17.23 18.69 -25.26
N LYS A 49 18.18 18.20 -24.47
CA LYS A 49 18.28 18.62 -23.08
C LYS A 49 19.09 19.89 -23.10
N THR A 50 18.59 20.92 -22.42
CA THR A 50 19.27 22.21 -22.38
C THR A 50 19.73 22.58 -20.98
N LEU A 51 20.52 23.65 -20.92
CA LEU A 51 21.07 24.18 -19.68
C LEU A 51 21.63 25.55 -20.04
N LYS A 52 21.16 26.61 -19.40
CA LYS A 52 21.66 27.95 -19.72
C LYS A 52 21.94 28.84 -18.50
N GLU A 53 21.12 28.72 -17.47
CA GLU A 53 21.27 29.53 -16.26
C GLU A 53 21.61 28.68 -15.04
N ASP A 54 21.41 27.37 -15.14
CA ASP A 54 21.71 26.46 -14.04
C ASP A 54 23.22 26.25 -14.00
N THR A 55 23.95 27.33 -13.73
CA THR A 55 25.41 27.31 -13.66
C THR A 55 26.05 26.17 -12.85
N MET A 56 25.36 25.72 -11.80
CA MET A 56 25.88 24.64 -10.95
C MET A 56 26.14 23.36 -11.73
N GLU A 57 25.35 23.14 -12.79
CA GLU A 57 25.50 21.93 -13.58
C GLU A 57 26.68 21.90 -14.55
N VAL A 58 26.88 22.96 -15.32
CA VAL A 58 27.96 23.04 -16.30
C VAL A 58 29.00 21.93 -16.24
N GLU A 59 29.69 21.82 -15.11
CA GLU A 59 30.70 20.77 -14.96
C GLU A 59 30.04 19.41 -15.11
N GLU A 60 28.91 19.24 -14.41
CA GLU A 60 28.15 17.99 -14.45
C GLU A 60 27.41 17.77 -15.76
N PHE A 61 26.92 18.86 -16.36
CA PHE A 61 26.20 18.76 -17.61
C PHE A 61 27.18 18.33 -18.69
N LEU A 62 28.45 18.71 -18.51
CA LEU A 62 29.50 18.39 -19.46
C LEU A 62 30.09 16.99 -19.24
N LYS A 63 30.08 16.53 -18.00
CA LYS A 63 30.60 15.20 -17.70
C LYS A 63 29.62 14.16 -18.25
N GLU A 64 28.37 14.58 -18.40
CA GLU A 64 27.30 13.73 -18.90
C GLU A 64 27.54 13.52 -20.38
N ALA A 65 27.72 14.63 -21.09
CA ALA A 65 27.98 14.61 -22.52
C ALA A 65 29.17 13.69 -22.83
N ALA A 66 30.23 13.82 -22.06
CA ALA A 66 31.41 13.01 -22.26
C ALA A 66 31.12 11.52 -22.10
N VAL A 67 30.29 11.17 -21.13
CA VAL A 67 29.96 9.76 -20.89
C VAL A 67 29.19 9.17 -22.07
N MET A 68 28.24 9.93 -22.59
CA MET A 68 27.41 9.51 -23.70
C MET A 68 28.18 9.32 -25.00
N LYS A 69 29.36 9.94 -25.09
CA LYS A 69 30.18 9.81 -26.29
C LYS A 69 30.92 8.49 -26.25
N GLU A 70 31.07 7.96 -25.04
CA GLU A 70 31.80 6.71 -24.82
C GLU A 70 30.94 5.45 -24.89
N ILE A 71 29.64 5.60 -25.10
CA ILE A 71 28.79 4.43 -25.17
C ILE A 71 27.91 4.35 -26.40
N LYS A 72 27.86 3.16 -26.98
CA LYS A 72 27.05 2.93 -28.16
C LYS A 72 26.50 1.51 -28.10
N HIS A 73 25.19 1.37 -28.25
CA HIS A 73 24.52 0.08 -28.21
C HIS A 73 23.10 0.28 -28.74
N PRO A 74 22.55 -0.73 -29.43
CA PRO A 74 21.20 -0.59 -29.95
C PRO A 74 20.11 -0.42 -28.90
N ASN A 75 20.43 -0.76 -27.64
CA ASN A 75 19.44 -0.60 -26.58
C ASN A 75 19.78 0.50 -25.56
N LEU A 76 20.59 1.45 -25.99
CA LEU A 76 20.96 2.61 -25.18
C LEU A 76 20.56 3.83 -26.02
N VAL A 77 19.86 4.79 -25.43
CA VAL A 77 19.41 5.96 -26.16
C VAL A 77 20.60 6.53 -26.94
N GLN A 78 20.42 6.64 -28.25
CA GLN A 78 21.47 7.12 -29.15
C GLN A 78 21.72 8.62 -29.16
N LEU A 79 22.95 8.99 -28.80
CA LEU A 79 23.38 10.39 -28.81
C LEU A 79 23.52 10.81 -30.28
N LEU A 80 23.03 12.00 -30.62
CA LEU A 80 23.12 12.49 -31.99
C LEU A 80 24.12 13.63 -32.11
N GLY A 81 24.21 14.49 -31.09
CA GLY A 81 25.14 15.60 -31.13
C GLY A 81 25.09 16.45 -29.88
N VAL A 82 26.06 17.35 -29.74
CA VAL A 82 26.11 18.24 -28.59
C VAL A 82 26.33 19.69 -29.02
N CYS A 83 26.17 20.60 -28.06
CA CYS A 83 26.39 22.02 -28.28
C CYS A 83 27.01 22.52 -27.00
N THR A 84 28.26 22.11 -26.78
CA THR A 84 29.01 22.47 -25.58
C THR A 84 30.03 23.59 -25.82
N ARG A 85 29.72 24.52 -26.72
CA ARG A 85 30.62 25.64 -27.00
C ARG A 85 30.01 26.96 -26.50
N GLU A 86 29.20 27.60 -27.35
CA GLU A 86 28.54 28.86 -26.99
C GLU A 86 27.62 28.63 -25.78
N PRO A 87 26.95 29.70 -25.30
CA PRO A 87 26.03 29.62 -24.14
C PRO A 87 24.96 28.53 -24.11
N PRO A 88 23.66 28.83 -24.36
CA PRO A 88 22.66 27.74 -24.31
C PRO A 88 23.15 26.34 -24.74
N PHE A 89 23.67 25.58 -23.77
CA PHE A 89 24.18 24.23 -24.03
C PHE A 89 23.06 23.25 -24.40
N TYR A 90 23.38 22.34 -25.31
CA TYR A 90 22.45 21.32 -25.78
C TYR A 90 23.08 19.95 -25.73
N ILE A 91 22.24 18.93 -25.78
CA ILE A 91 22.67 17.53 -25.86
C ILE A 91 21.51 16.90 -26.62
N ILE A 92 21.75 16.59 -27.89
CA ILE A 92 20.72 16.03 -28.73
C ILE A 92 20.77 14.52 -28.76
N THR A 93 19.59 13.93 -28.59
CA THR A 93 19.40 12.50 -28.59
C THR A 93 18.27 12.17 -29.56
N GLU A 94 18.16 10.90 -29.96
CA GLU A 94 17.07 10.48 -30.83
C GLU A 94 15.80 10.62 -29.99
N PHE A 95 14.66 10.71 -30.65
CA PHE A 95 13.37 10.84 -29.97
C PHE A 95 12.71 9.46 -30.08
N MET A 96 12.21 8.94 -28.97
CA MET A 96 11.56 7.63 -28.97
C MET A 96 10.07 7.83 -28.97
N THR A 97 9.46 7.49 -30.10
CA THR A 97 8.03 7.68 -30.30
C THR A 97 7.08 7.47 -29.13
N TYR A 98 7.23 6.40 -28.37
CA TYR A 98 6.30 6.13 -27.28
C TYR A 98 6.62 6.54 -25.84
N GLY A 99 7.63 7.37 -25.62
CA GLY A 99 7.92 7.82 -24.26
C GLY A 99 8.57 6.83 -23.31
N ASN A 100 8.60 7.18 -22.04
CA ASN A 100 9.22 6.31 -21.05
C ASN A 100 8.44 5.02 -20.91
N LEU A 101 9.15 3.96 -20.51
CA LEU A 101 8.58 2.63 -20.35
C LEU A 101 7.56 2.49 -19.21
N LEU A 102 7.72 3.25 -18.13
CA LEU A 102 6.78 3.15 -17.02
C LEU A 102 5.36 3.54 -17.45
N ASP A 103 5.20 4.73 -18.00
CA ASP A 103 3.89 5.15 -18.45
C ASP A 103 3.40 4.24 -19.59
N TYR A 104 4.31 3.88 -20.49
CA TYR A 104 3.95 3.01 -21.59
C TYR A 104 3.26 1.74 -21.08
N LEU A 105 3.87 1.08 -20.10
CA LEU A 105 3.33 -0.13 -19.52
C LEU A 105 1.98 0.11 -18.88
N ARG A 106 1.80 1.26 -18.27
CA ARG A 106 0.55 1.57 -17.60
C ARG A 106 -0.57 1.94 -18.54
N GLU A 107 -0.23 2.43 -19.72
CA GLU A 107 -1.25 2.88 -20.67
C GLU A 107 -1.40 2.02 -21.92
N CYS A 108 -0.69 0.90 -21.97
CA CYS A 108 -0.74 0.07 -23.16
C CYS A 108 -1.95 -0.87 -23.28
N ASN A 109 -2.12 -1.38 -24.49
CA ASN A 109 -3.16 -2.35 -24.82
C ASN A 109 -2.48 -3.63 -24.40
N ARG A 110 -2.97 -4.26 -23.33
CA ARG A 110 -2.35 -5.49 -22.85
C ARG A 110 -2.50 -6.72 -23.74
N GLN A 111 -3.37 -6.65 -24.73
CA GLN A 111 -3.54 -7.77 -25.65
C GLN A 111 -2.41 -7.70 -26.66
N GLU A 112 -1.92 -6.48 -26.91
CA GLU A 112 -0.81 -6.24 -27.82
C GLU A 112 0.49 -6.46 -27.05
N VAL A 113 0.62 -5.79 -25.92
CA VAL A 113 1.82 -5.94 -25.09
C VAL A 113 1.62 -7.16 -24.21
N SER A 114 1.61 -8.32 -24.84
CA SER A 114 1.38 -9.59 -24.16
C SER A 114 2.63 -10.12 -23.48
N ALA A 115 2.49 -11.30 -22.89
CA ALA A 115 3.58 -11.97 -22.20
C ALA A 115 4.89 -12.05 -22.98
N VAL A 116 4.80 -12.36 -24.28
CA VAL A 116 5.98 -12.49 -25.12
C VAL A 116 6.63 -11.13 -25.37
N VAL A 117 5.84 -10.07 -25.40
CA VAL A 117 6.38 -8.74 -25.61
C VAL A 117 7.10 -8.27 -24.33
N LEU A 118 6.58 -8.64 -23.16
CA LEU A 118 7.23 -8.24 -21.91
C LEU A 118 8.60 -8.88 -21.80
N LEU A 119 8.66 -10.14 -22.20
CA LEU A 119 9.91 -10.89 -22.17
C LEU A 119 10.90 -10.26 -23.17
N TYR A 120 10.38 -9.83 -24.31
CA TYR A 120 11.22 -9.21 -25.32
C TYR A 120 11.79 -7.91 -24.74
N MET A 121 10.96 -7.15 -24.05
CA MET A 121 11.42 -5.88 -23.46
C MET A 121 12.52 -6.12 -22.41
N ALA A 122 12.37 -7.16 -21.60
CA ALA A 122 13.39 -7.48 -20.59
C ALA A 122 14.68 -7.98 -21.22
N THR A 123 14.58 -8.68 -22.35
CA THR A 123 15.78 -9.18 -23.01
C THR A 123 16.60 -8.01 -23.56
N GLN A 124 15.91 -7.03 -24.15
CA GLN A 124 16.58 -5.85 -24.70
C GLN A 124 17.33 -5.07 -23.62
N ILE A 125 16.68 -4.88 -22.47
CA ILE A 125 17.29 -4.15 -21.38
C ILE A 125 18.51 -4.89 -20.84
N SER A 126 18.39 -6.19 -20.63
CA SER A 126 19.51 -6.96 -20.12
C SER A 126 20.68 -6.91 -21.12
N SER A 127 20.36 -6.74 -22.41
CA SER A 127 21.40 -6.69 -23.43
C SER A 127 22.21 -5.40 -23.24
N ALA A 128 21.50 -4.29 -23.09
CA ALA A 128 22.15 -3.00 -22.89
C ALA A 128 23.02 -3.05 -21.62
N MET A 129 22.50 -3.67 -20.57
CA MET A 129 23.22 -3.78 -19.31
C MET A 129 24.42 -4.73 -19.40
N GLU A 130 24.33 -5.76 -20.23
CA GLU A 130 25.47 -6.69 -20.38
C GLU A 130 26.60 -5.90 -21.06
N TYR A 131 26.21 -5.04 -21.99
CA TYR A 131 27.16 -4.20 -22.70
C TYR A 131 27.87 -3.27 -21.71
N LEU A 132 27.08 -2.62 -20.85
CA LEU A 132 27.60 -1.70 -19.85
C LEU A 132 28.46 -2.43 -18.83
N GLU A 133 28.11 -3.67 -18.54
CA GLU A 133 28.87 -4.49 -17.58
C GLU A 133 30.26 -4.74 -18.15
N LYS A 134 30.28 -5.09 -19.43
CA LYS A 134 31.50 -5.37 -20.16
C LYS A 134 32.37 -4.11 -20.19
N LYS A 135 31.73 -2.98 -20.39
CA LYS A 135 32.42 -1.70 -20.48
C LYS A 135 32.86 -1.18 -19.10
N ASN A 136 32.46 -1.89 -18.04
CA ASN A 136 32.78 -1.48 -16.68
C ASN A 136 32.10 -0.15 -16.32
N PHE A 137 30.95 0.10 -16.93
CA PHE A 137 30.18 1.31 -16.65
C PHE A 137 29.06 0.97 -15.66
N ILE A 138 28.80 1.88 -14.73
CA ILE A 138 27.74 1.66 -13.74
C ILE A 138 26.62 2.63 -14.08
N HIS A 139 25.37 2.16 -14.02
CA HIS A 139 24.24 3.01 -14.36
C HIS A 139 23.75 3.84 -13.17
N ARG A 140 23.53 3.16 -12.03
CA ARG A 140 23.09 3.81 -10.79
C ARG A 140 21.63 4.21 -10.64
N ASP A 141 20.86 4.19 -11.73
CA ASP A 141 19.46 4.54 -11.60
C ASP A 141 18.58 3.79 -12.60
N LEU A 142 18.81 2.49 -12.69
CA LEU A 142 18.05 1.62 -13.59
C LEU A 142 16.65 1.46 -13.03
N ALA A 143 15.67 1.80 -13.86
CA ALA A 143 14.27 1.73 -13.48
C ALA A 143 13.47 1.97 -14.74
N ALA A 144 12.23 1.51 -14.75
CA ALA A 144 11.38 1.67 -15.93
C ALA A 144 11.23 3.14 -16.32
N ARG A 145 11.12 4.04 -15.35
CA ARG A 145 10.99 5.47 -15.68
C ARG A 145 12.20 5.98 -16.48
N ASN A 146 13.29 5.22 -16.46
CA ASN A 146 14.47 5.61 -17.19
C ASN A 146 14.66 4.88 -18.53
N CYS A 147 13.67 4.09 -18.94
CA CYS A 147 13.75 3.40 -20.23
C CYS A 147 12.79 4.07 -21.19
N LEU A 148 13.05 3.91 -22.49
CA LEU A 148 12.23 4.52 -23.52
C LEU A 148 11.70 3.44 -24.48
N VAL A 149 10.54 3.68 -25.07
CA VAL A 149 9.99 2.69 -25.98
C VAL A 149 9.80 3.25 -27.37
N GLY A 150 10.23 2.49 -28.38
CA GLY A 150 10.09 2.95 -29.74
C GLY A 150 9.07 2.11 -30.51
N GLU A 151 9.18 2.13 -31.84
CA GLU A 151 8.29 1.37 -32.69
C GLU A 151 8.66 -0.10 -32.58
N ASN A 152 7.67 -0.98 -32.66
CA ASN A 152 7.89 -2.42 -32.59
C ASN A 152 8.43 -2.88 -31.23
N HIS A 153 7.98 -2.23 -30.17
CA HIS A 153 8.40 -2.57 -28.82
C HIS A 153 9.90 -2.56 -28.64
N LEU A 154 10.54 -1.63 -29.33
CA LEU A 154 11.98 -1.44 -29.22
C LEU A 154 12.14 -0.69 -27.89
N VAL A 155 13.02 -1.16 -27.02
CA VAL A 155 13.21 -0.51 -25.73
C VAL A 155 14.66 -0.10 -25.52
N LYS A 156 14.88 1.11 -25.04
CA LYS A 156 16.23 1.58 -24.80
C LYS A 156 16.38 2.15 -23.40
N VAL A 157 17.53 1.86 -22.80
CA VAL A 157 17.88 2.35 -21.47
C VAL A 157 18.44 3.76 -21.62
N ALA A 158 18.09 4.64 -20.69
CA ALA A 158 18.58 6.00 -20.71
C ALA A 158 18.83 6.40 -19.27
N ASP A 159 19.02 7.70 -19.06
CA ASP A 159 19.24 8.21 -17.72
C ASP A 159 18.85 9.68 -17.77
N PHE A 160 17.68 9.99 -17.23
CA PHE A 160 17.17 11.35 -17.26
C PHE A 160 17.53 12.24 -16.09
N GLY A 161 18.34 11.75 -15.17
CA GLY A 161 18.73 12.55 -14.02
C GLY A 161 17.48 13.06 -13.33
N LEU A 162 16.58 12.12 -13.04
CA LEU A 162 15.29 12.41 -12.41
C LEU A 162 15.27 12.67 -10.91
N SER A 163 16.36 12.34 -10.21
CA SER A 163 16.41 12.57 -8.76
C SER A 163 16.05 14.02 -8.43
N ARG A 164 16.15 14.88 -9.44
CA ARG A 164 15.83 16.30 -9.28
C ARG A 164 14.34 16.54 -9.52
N LEU A 165 13.77 15.83 -10.49
CA LEU A 165 12.35 15.96 -10.85
C LEU A 165 11.43 15.48 -9.74
N MET A 166 11.71 14.31 -9.18
CA MET A 166 10.90 13.73 -8.12
C MET A 166 10.10 14.75 -7.33
N THR A 167 8.83 14.87 -7.69
CA THR A 167 7.90 15.76 -7.01
C THR A 167 7.06 14.83 -6.13
N GLY A 168 7.51 13.59 -5.97
CA GLY A 168 6.78 12.63 -5.14
C GLY A 168 7.61 11.76 -4.20
N ASP A 169 7.17 10.53 -4.04
CA ASP A 169 7.81 9.57 -3.15
C ASP A 169 8.88 8.70 -3.79
N THR A 170 9.10 8.84 -5.11
CA THR A 170 10.10 8.03 -5.83
C THR A 170 11.57 8.12 -5.32
N TYR A 171 12.07 9.34 -5.16
CA TYR A 171 13.43 9.56 -4.67
C TYR A 171 13.46 10.20 -3.28
N THR A 172 13.64 9.38 -2.25
CA THR A 172 13.72 9.91 -0.90
C THR A 172 15.11 10.50 -0.68
N ALA A 173 15.15 11.70 -0.11
CA ALA A 173 16.41 12.37 0.14
C ALA A 173 17.37 11.63 1.08
N HIS A 174 18.66 11.80 0.80
CA HIS A 174 19.74 11.21 1.60
C HIS A 174 20.98 12.09 1.44
N ALA A 175 21.14 13.05 2.34
CA ALA A 175 22.30 13.95 2.31
C ALA A 175 22.55 14.63 0.96
N GLY A 176 21.75 15.65 0.65
CA GLY A 176 21.91 16.39 -0.60
C GLY A 176 21.81 15.50 -1.83
N ALA A 177 21.63 14.20 -1.60
CA ALA A 177 21.52 13.23 -2.68
C ALA A 177 20.24 12.40 -2.55
N LYS A 178 19.37 12.50 -3.55
CA LYS A 178 18.13 11.76 -3.56
C LYS A 178 18.39 10.33 -4.05
N PHE A 179 17.75 9.36 -3.42
CA PHE A 179 17.91 7.95 -3.80
C PHE A 179 16.57 7.25 -3.95
N PRO A 180 16.41 6.46 -5.03
CA PRO A 180 15.16 5.74 -5.23
C PRO A 180 15.29 4.48 -4.36
N ILE A 181 14.99 4.66 -3.08
CA ILE A 181 15.09 3.60 -2.08
C ILE A 181 14.60 2.22 -2.49
N LYS A 182 13.45 2.15 -3.14
CA LYS A 182 12.89 0.86 -3.53
C LYS A 182 13.57 0.15 -4.70
N TRP A 183 14.50 0.84 -5.37
CA TRP A 183 15.29 0.27 -6.48
C TRP A 183 16.77 0.12 -6.04
N THR A 184 17.12 0.62 -4.86
CA THR A 184 18.48 0.57 -4.35
C THR A 184 18.88 -0.68 -3.58
N ALA A 185 20.00 -1.30 -3.95
CA ALA A 185 20.47 -2.51 -3.27
C ALA A 185 20.88 -2.18 -1.83
N PRO A 186 20.84 -3.19 -0.94
CA PRO A 186 21.18 -3.07 0.48
C PRO A 186 22.51 -2.36 0.77
N GLU A 187 23.58 -2.83 0.13
CA GLU A 187 24.91 -2.24 0.33
C GLU A 187 24.96 -0.78 -0.11
N SER A 188 24.14 -0.40 -1.07
CA SER A 188 24.13 0.98 -1.56
C SER A 188 23.42 1.88 -0.56
N LEU A 189 22.50 1.30 0.20
CA LEU A 189 21.75 2.05 1.21
C LEU A 189 22.58 2.13 2.49
N ALA A 190 23.28 1.05 2.79
CA ALA A 190 24.09 0.97 3.99
C ALA A 190 25.43 1.68 3.89
N TYR A 191 26.32 1.14 3.06
CA TYR A 191 27.65 1.69 2.90
C TYR A 191 27.81 2.64 1.73
N ASN A 192 26.70 2.95 1.08
CA ASN A 192 26.75 3.86 -0.06
C ASN A 192 27.66 3.33 -1.16
N LYS A 193 27.80 2.01 -1.25
CA LYS A 193 28.64 1.41 -2.27
C LYS A 193 27.84 1.03 -3.53
N PHE A 194 28.17 1.66 -4.66
CA PHE A 194 27.50 1.38 -5.92
C PHE A 194 28.40 0.60 -6.88
N SER A 195 27.91 -0.54 -7.32
CA SER A 195 28.66 -1.38 -8.25
C SER A 195 27.71 -1.90 -9.31
N ILE A 196 28.23 -2.66 -10.26
CA ILE A 196 27.42 -3.19 -11.33
C ILE A 196 26.45 -4.22 -10.74
N LYS A 197 26.79 -4.75 -9.57
CA LYS A 197 25.93 -5.73 -8.90
C LYS A 197 24.74 -5.03 -8.25
N SER A 198 24.86 -3.72 -8.00
CA SER A 198 23.74 -2.99 -7.43
C SER A 198 22.80 -2.59 -8.60
N ASP A 199 23.33 -2.63 -9.82
CA ASP A 199 22.53 -2.35 -11.02
C ASP A 199 21.71 -3.60 -11.25
N VAL A 200 22.31 -4.75 -10.95
CA VAL A 200 21.66 -6.04 -11.10
C VAL A 200 20.47 -6.09 -10.15
N TRP A 201 20.63 -5.53 -8.95
CA TRP A 201 19.54 -5.49 -7.98
C TRP A 201 18.44 -4.60 -8.56
N ALA A 202 18.82 -3.43 -9.07
CA ALA A 202 17.82 -2.53 -9.64
C ALA A 202 17.10 -3.20 -10.83
N PHE A 203 17.83 -3.98 -11.62
CA PHE A 203 17.23 -4.68 -12.76
C PHE A 203 16.13 -5.66 -12.26
N GLY A 204 16.39 -6.34 -11.15
CA GLY A 204 15.38 -7.24 -10.62
C GLY A 204 14.08 -6.49 -10.35
N VAL A 205 14.18 -5.27 -9.83
CA VAL A 205 13.01 -4.48 -9.52
C VAL A 205 12.37 -4.00 -10.81
N LEU A 206 13.20 -3.71 -11.81
CA LEU A 206 12.71 -3.27 -13.12
C LEU A 206 11.89 -4.41 -13.73
N LEU A 207 12.36 -5.65 -13.54
CA LEU A 207 11.62 -6.82 -14.03
C LEU A 207 10.25 -6.88 -13.37
N TRP A 208 10.22 -6.61 -12.07
CA TRP A 208 8.96 -6.64 -11.35
C TRP A 208 8.02 -5.56 -11.94
N GLU A 209 8.56 -4.40 -12.26
CA GLU A 209 7.76 -3.31 -12.83
C GLU A 209 7.11 -3.75 -14.15
N ILE A 210 7.90 -4.42 -14.98
CA ILE A 210 7.42 -4.89 -16.26
C ILE A 210 6.38 -5.99 -16.10
N ALA A 211 6.64 -6.95 -15.21
CA ALA A 211 5.72 -8.05 -14.98
C ALA A 211 4.35 -7.58 -14.47
N THR A 212 4.32 -6.43 -13.80
CA THR A 212 3.07 -5.88 -13.25
C THR A 212 2.50 -4.74 -14.08
N TYR A 213 3.09 -4.51 -15.26
CA TYR A 213 2.64 -3.44 -16.12
C TYR A 213 2.75 -2.08 -15.45
N GLY A 214 3.84 -1.86 -14.72
CA GLY A 214 4.04 -0.56 -14.10
C GLY A 214 3.54 -0.22 -12.72
N MET A 215 3.35 -1.22 -11.87
CA MET A 215 2.93 -0.95 -10.49
C MET A 215 4.17 -0.44 -9.74
N SER A 216 3.94 0.24 -8.61
CA SER A 216 5.04 0.75 -7.77
C SER A 216 5.56 -0.38 -6.91
N PRO A 217 6.88 -0.50 -6.78
CA PRO A 217 7.51 -1.56 -5.97
C PRO A 217 7.07 -1.50 -4.50
N TYR A 218 7.09 -2.65 -3.83
CA TYR A 218 6.70 -2.74 -2.42
C TYR A 218 5.47 -1.88 -2.19
N PRO A 219 4.38 -2.18 -2.92
CA PRO A 219 3.16 -1.39 -2.77
C PRO A 219 2.65 -1.34 -1.34
N GLY A 220 2.35 -0.14 -0.85
CA GLY A 220 1.84 0.02 0.49
C GLY A 220 2.86 0.16 1.60
N ILE A 221 4.02 -0.46 1.43
CA ILE A 221 5.06 -0.42 2.45
C ILE A 221 5.80 0.92 2.48
N ASP A 222 6.00 1.47 3.67
CA ASP A 222 6.70 2.75 3.75
C ASP A 222 8.22 2.59 3.65
N LEU A 223 8.85 3.53 2.96
CA LEU A 223 10.28 3.53 2.73
C LEU A 223 11.14 3.18 3.93
N SER A 224 10.86 3.80 5.08
CA SER A 224 11.62 3.57 6.30
C SER A 224 11.75 2.11 6.77
N GLN A 225 10.87 1.23 6.31
CA GLN A 225 10.98 -0.16 6.73
C GLN A 225 11.47 -1.11 5.62
N VAL A 226 11.77 -0.56 4.44
CA VAL A 226 12.23 -1.38 3.34
C VAL A 226 13.55 -2.10 3.65
N TYR A 227 14.53 -1.38 4.19
CA TYR A 227 15.82 -2.01 4.50
C TYR A 227 15.66 -3.11 5.54
N GLU A 228 15.03 -2.78 6.67
CA GLU A 228 14.82 -3.77 7.72
C GLU A 228 14.14 -5.02 7.15
N LEU A 229 13.07 -4.81 6.37
CA LEU A 229 12.36 -5.93 5.77
C LEU A 229 13.29 -6.79 4.91
N LEU A 230 14.11 -6.14 4.10
CA LEU A 230 15.05 -6.84 3.22
C LEU A 230 16.07 -7.63 4.03
N GLU A 231 16.52 -7.06 5.16
CA GLU A 231 17.48 -7.75 6.02
C GLU A 231 16.85 -9.01 6.61
N LYS A 232 15.55 -8.94 6.89
CA LYS A 232 14.82 -10.07 7.44
C LYS A 232 14.40 -11.04 6.33
N ASP A 233 15.00 -10.84 5.15
CA ASP A 233 14.75 -11.69 3.98
C ASP A 233 13.40 -11.53 3.28
N TYR A 234 12.76 -10.38 3.46
CA TYR A 234 11.50 -10.15 2.79
C TYR A 234 11.78 -9.74 1.33
N ARG A 235 10.97 -10.25 0.41
CA ARG A 235 11.12 -9.92 -1.00
C ARG A 235 9.75 -9.85 -1.65
N MET A 236 9.59 -9.00 -2.67
CA MET A 236 8.31 -8.91 -3.34
C MET A 236 7.91 -10.30 -3.84
N GLU A 237 6.62 -10.56 -3.88
CA GLU A 237 6.15 -11.88 -4.33
C GLU A 237 5.93 -11.93 -5.83
N ARG A 238 6.01 -13.14 -6.40
CA ARG A 238 5.80 -13.33 -7.82
C ARG A 238 4.53 -12.62 -8.26
N PRO A 239 4.63 -11.72 -9.23
CA PRO A 239 3.44 -11.00 -9.69
C PRO A 239 2.45 -11.96 -10.34
N GLU A 240 1.20 -11.54 -10.45
CA GLU A 240 0.18 -12.38 -11.08
C GLU A 240 0.54 -12.61 -12.53
N GLY A 241 0.60 -13.87 -12.94
CA GLY A 241 0.91 -14.21 -14.31
C GLY A 241 2.39 -14.20 -14.67
N CYS A 242 3.25 -13.95 -13.69
CA CYS A 242 4.68 -13.93 -13.94
C CYS A 242 5.23 -15.34 -14.00
N PRO A 243 5.90 -15.69 -15.10
CA PRO A 243 6.44 -17.05 -15.20
C PRO A 243 7.46 -17.35 -14.09
N GLU A 244 7.47 -18.60 -13.63
CA GLU A 244 8.38 -19.04 -12.57
C GLU A 244 9.85 -18.79 -12.87
N LYS A 245 10.27 -19.04 -14.11
CA LYS A 245 11.67 -18.82 -14.46
C LYS A 245 12.06 -17.35 -14.34
N VAL A 246 11.15 -16.47 -14.75
CA VAL A 246 11.41 -15.04 -14.65
C VAL A 246 11.51 -14.63 -13.19
N TYR A 247 10.55 -15.07 -12.38
CA TYR A 247 10.55 -14.74 -10.96
C TYR A 247 11.80 -15.25 -10.27
N GLU A 248 12.24 -16.45 -10.63
CA GLU A 248 13.43 -17.04 -10.02
C GLU A 248 14.63 -16.18 -10.33
N LEU A 249 14.59 -15.50 -11.47
CA LEU A 249 15.68 -14.62 -11.90
C LEU A 249 15.61 -13.35 -11.06
N MET A 250 14.39 -12.89 -10.80
CA MET A 250 14.15 -11.71 -9.99
C MET A 250 14.78 -11.96 -8.61
N ARG A 251 14.55 -13.17 -8.11
CA ARG A 251 15.04 -13.61 -6.81
C ARG A 251 16.56 -13.64 -6.75
N ALA A 252 17.18 -14.10 -7.83
CA ALA A 252 18.63 -14.16 -7.87
C ALA A 252 19.21 -12.75 -7.88
N CYS A 253 18.51 -11.82 -8.51
CA CYS A 253 18.96 -10.44 -8.55
C CYS A 253 18.87 -9.78 -7.18
N TRP A 254 18.01 -10.33 -6.32
CA TRP A 254 17.81 -9.76 -5.00
C TRP A 254 18.57 -10.47 -3.89
N GLN A 255 19.65 -11.16 -4.24
CA GLN A 255 20.46 -11.84 -3.23
C GLN A 255 21.08 -10.77 -2.33
N TRP A 256 21.03 -11.00 -1.01
CA TRP A 256 21.58 -10.04 -0.06
C TRP A 256 23.05 -9.73 -0.34
N ASN A 257 23.82 -10.77 -0.61
CA ASN A 257 25.23 -10.60 -0.89
C ASN A 257 25.40 -10.34 -2.40
N PRO A 258 25.90 -9.14 -2.77
CA PRO A 258 26.09 -8.79 -4.19
C PRO A 258 26.89 -9.79 -5.02
N SER A 259 27.84 -10.49 -4.40
CA SER A 259 28.64 -11.46 -5.14
C SER A 259 27.81 -12.67 -5.52
N ASP A 260 26.69 -12.89 -4.84
CA ASP A 260 25.83 -14.03 -5.15
C ASP A 260 24.84 -13.70 -6.26
N ARG A 261 24.78 -12.43 -6.64
CA ARG A 261 23.86 -12.02 -7.69
C ARG A 261 24.44 -12.36 -9.05
N PRO A 262 23.60 -12.81 -9.99
CA PRO A 262 24.14 -13.14 -11.30
C PRO A 262 24.65 -11.91 -12.02
N SER A 263 25.50 -12.11 -13.03
CA SER A 263 26.02 -11.01 -13.83
C SER A 263 25.01 -10.76 -14.94
N PHE A 264 25.11 -9.60 -15.60
CA PHE A 264 24.15 -9.32 -16.67
C PHE A 264 24.36 -10.25 -17.86
N ALA A 265 25.57 -10.77 -18.02
CA ALA A 265 25.87 -11.69 -19.11
C ALA A 265 25.02 -12.96 -18.98
N GLU A 266 24.97 -13.52 -17.78
CA GLU A 266 24.18 -14.72 -17.57
C GLU A 266 22.69 -14.41 -17.56
N ILE A 267 22.32 -13.21 -17.12
CA ILE A 267 20.92 -12.81 -17.09
C ILE A 267 20.43 -12.70 -18.54
N HIS A 268 21.26 -12.09 -19.37
CA HIS A 268 20.92 -11.94 -20.78
C HIS A 268 20.78 -13.30 -21.45
N GLN A 269 21.73 -14.19 -21.19
CA GLN A 269 21.68 -15.53 -21.76
C GLN A 269 20.40 -16.24 -21.30
N ALA A 270 20.07 -16.13 -20.02
CA ALA A 270 18.87 -16.76 -19.49
C ALA A 270 17.64 -16.30 -20.26
N PHE A 271 17.58 -15.00 -20.53
CA PHE A 271 16.43 -14.46 -21.27
C PHE A 271 16.39 -14.88 -22.72
N GLU A 272 17.53 -14.85 -23.41
CA GLU A 272 17.55 -15.26 -24.81
C GLU A 272 16.99 -16.67 -24.88
N THR A 273 17.59 -17.56 -24.10
CA THR A 273 17.15 -18.95 -24.07
C THR A 273 15.64 -18.97 -23.87
N MET A 274 15.22 -18.36 -22.77
CA MET A 274 13.83 -18.30 -22.40
C MET A 274 13.02 -17.69 -23.54
N PHE A 275 13.64 -16.80 -24.31
CA PHE A 275 12.95 -16.16 -25.41
C PHE A 275 12.53 -17.18 -26.45
N GLN A 276 12.94 -18.44 -26.24
CA GLN A 276 12.55 -19.52 -27.13
C GLN A 276 11.08 -19.75 -26.81
N GLU A 277 10.27 -20.03 -27.83
CA GLU A 277 8.84 -20.22 -27.62
C GLU A 277 8.21 -18.85 -27.29
N MET B 3 -45.26 -12.68 27.73
CA MET B 3 -44.76 -13.77 28.61
C MET B 3 -45.35 -13.61 30.02
N ASP B 4 -46.11 -14.60 30.46
CA ASP B 4 -46.75 -14.57 31.78
C ASP B 4 -45.76 -14.98 32.89
N PRO B 5 -45.62 -14.12 33.93
CA PRO B 5 -44.72 -14.30 35.10
C PRO B 5 -44.61 -15.66 35.79
N SER B 6 -45.72 -16.34 36.03
CA SER B 6 -45.65 -17.64 36.70
C SER B 6 -45.28 -18.78 35.76
N SER B 7 -45.74 -18.68 34.51
CA SER B 7 -45.48 -19.69 33.48
C SER B 7 -44.18 -20.44 33.70
N PRO B 8 -44.22 -21.78 33.53
CA PRO B 8 -43.07 -22.67 33.70
C PRO B 8 -42.07 -22.61 32.54
N ASN B 9 -41.85 -21.40 32.04
CA ASN B 9 -40.92 -21.14 30.94
C ASN B 9 -41.03 -19.64 30.63
N TYR B 10 -40.75 -18.82 31.64
CA TYR B 10 -40.83 -17.36 31.48
C TYR B 10 -39.45 -16.73 31.30
N ASP B 11 -39.28 -15.96 30.24
CA ASP B 11 -38.03 -15.27 30.01
C ASP B 11 -38.36 -13.79 30.05
N LYS B 12 -37.69 -13.03 30.90
CA LYS B 12 -38.00 -11.61 30.99
C LYS B 12 -37.67 -10.83 29.71
N TRP B 13 -36.69 -11.30 28.95
CA TRP B 13 -36.30 -10.63 27.71
C TRP B 13 -37.29 -10.85 26.58
N GLU B 14 -37.88 -12.04 26.55
CA GLU B 14 -38.86 -12.37 25.51
C GLU B 14 -39.97 -11.32 25.45
N MET B 15 -40.19 -10.71 24.29
CA MET B 15 -41.25 -9.71 24.14
C MET B 15 -42.17 -10.02 22.96
N GLU B 16 -43.20 -9.20 22.76
CA GLU B 16 -44.15 -9.43 21.67
C GLU B 16 -43.85 -8.61 20.40
N ARG B 17 -43.75 -9.30 19.28
CA ARG B 17 -43.46 -8.67 17.99
C ARG B 17 -44.38 -7.52 17.65
N THR B 18 -45.67 -7.70 17.92
CA THR B 18 -46.67 -6.67 17.64
C THR B 18 -46.34 -5.36 18.35
N ASP B 19 -45.42 -5.42 19.31
CA ASP B 19 -45.01 -4.25 20.05
C ASP B 19 -44.02 -3.39 19.27
N ILE B 20 -43.51 -3.94 18.18
CA ILE B 20 -42.54 -3.22 17.36
C ILE B 20 -42.98 -3.03 15.93
N THR B 21 -42.71 -1.83 15.40
CA THR B 21 -43.05 -1.49 14.03
C THR B 21 -41.77 -1.60 13.20
N MET B 22 -41.79 -2.47 12.19
CA MET B 22 -40.63 -2.68 11.34
C MET B 22 -40.59 -1.69 10.19
N LYS B 23 -39.38 -1.19 9.89
CA LYS B 23 -39.18 -0.24 8.80
C LYS B 23 -38.34 -0.99 7.77
N HIS B 24 -37.25 -0.36 7.32
CA HIS B 24 -36.35 -0.98 6.36
C HIS B 24 -34.96 -1.08 6.96
N LYS B 25 -34.14 -1.95 6.39
CA LYS B 25 -32.79 -2.18 6.86
C LYS B 25 -32.04 -0.91 7.24
N LEU B 26 -30.95 -1.11 7.98
CA LEU B 26 -30.10 0.00 8.38
C LEU B 26 -28.99 0.07 7.33
N GLY B 27 -29.03 1.13 6.53
CA GLY B 27 -28.09 1.31 5.43
C GLY B 27 -26.61 1.53 5.67
N GLY B 28 -26.25 1.88 6.91
CA GLY B 28 -24.84 2.14 7.21
C GLY B 28 -23.95 0.92 7.07
N GLY B 29 -23.15 0.90 5.99
CA GLY B 29 -22.27 -0.21 5.77
C GLY B 29 -23.11 -1.43 5.55
N GLN B 30 -24.39 -1.30 5.93
CA GLN B 30 -25.46 -2.30 5.87
C GLN B 30 -25.06 -3.63 6.45
N TYR B 31 -25.79 -3.88 7.53
CA TYR B 31 -25.62 -5.03 8.36
C TYR B 31 -26.40 -6.28 8.02
N GLY B 32 -26.90 -6.37 6.80
CA GLY B 32 -27.64 -7.56 6.39
C GLY B 32 -29.12 -7.47 6.74
N GLU B 33 -29.56 -8.37 7.61
CA GLU B 33 -30.96 -8.41 8.01
C GLU B 33 -31.34 -7.63 9.28
N VAL B 34 -30.76 -6.44 9.45
CA VAL B 34 -31.07 -5.62 10.62
C VAL B 34 -31.90 -4.42 10.18
N TYR B 35 -33.04 -4.22 10.80
CA TYR B 35 -33.92 -3.12 10.43
C TYR B 35 -34.08 -2.08 11.53
N GLU B 36 -34.50 -0.89 11.13
CA GLU B 36 -34.77 0.18 12.07
C GLU B 36 -36.21 -0.11 12.47
N GLY B 37 -36.52 0.02 13.75
CA GLY B 37 -37.88 -0.24 14.18
C GLY B 37 -38.29 0.72 15.26
N VAL B 38 -39.55 0.66 15.66
CA VAL B 38 -40.06 1.53 16.71
C VAL B 38 -40.76 0.70 17.78
N TRP B 39 -40.47 1.01 19.03
CA TRP B 39 -41.08 0.33 20.16
C TRP B 39 -42.21 1.25 20.60
N LYS B 40 -43.33 1.21 19.88
CA LYS B 40 -44.50 2.04 20.14
C LYS B 40 -44.73 2.43 21.61
N LYS B 41 -44.61 1.47 22.52
CA LYS B 41 -44.81 1.72 23.95
C LYS B 41 -44.08 2.99 24.38
N TYR B 42 -42.77 2.98 24.15
CA TYR B 42 -41.93 4.12 24.53
C TYR B 42 -41.59 5.04 23.36
N SER B 43 -42.17 4.76 22.19
CA SER B 43 -41.93 5.56 21.00
C SER B 43 -40.43 5.64 20.71
N LEU B 44 -39.73 4.55 21.01
CA LEU B 44 -38.28 4.46 20.81
C LEU B 44 -37.92 3.81 19.49
N THR B 45 -36.90 4.38 18.84
CA THR B 45 -36.41 3.80 17.59
C THR B 45 -35.45 2.74 18.09
N VAL B 46 -35.50 1.55 17.49
CA VAL B 46 -34.61 0.47 17.91
C VAL B 46 -34.01 -0.25 16.71
N ALA B 47 -33.00 -1.07 16.98
CA ALA B 47 -32.35 -1.85 15.94
C ALA B 47 -32.83 -3.28 16.14
N VAL B 48 -33.27 -3.92 15.08
CA VAL B 48 -33.77 -5.29 15.19
C VAL B 48 -33.12 -6.26 14.22
N LYS B 49 -32.29 -7.15 14.75
CA LYS B 49 -31.63 -8.17 13.94
C LYS B 49 -32.59 -9.35 13.76
N THR B 50 -32.93 -9.65 12.51
CA THR B 50 -33.85 -10.74 12.22
C THR B 50 -33.20 -11.96 11.60
N LEU B 51 -33.98 -13.03 11.50
CA LEU B 51 -33.57 -14.31 10.96
C LEU B 51 -34.84 -15.13 10.80
N LYS B 52 -35.14 -15.57 9.57
CA LYS B 52 -36.36 -16.36 9.36
C LYS B 52 -36.20 -17.58 8.44
N GLU B 53 -35.35 -17.46 7.42
CA GLU B 53 -35.11 -18.55 6.48
C GLU B 53 -33.67 -19.07 6.53
N ASP B 54 -32.78 -18.30 7.17
CA ASP B 54 -31.39 -18.70 7.31
C ASP B 54 -31.29 -19.76 8.41
N THR B 55 -31.94 -20.89 8.17
CA THR B 55 -31.97 -21.99 9.13
C THR B 55 -30.61 -22.40 9.74
N MET B 56 -29.54 -22.24 8.98
CA MET B 56 -28.19 -22.59 9.47
C MET B 56 -27.80 -21.83 10.73
N GLU B 57 -28.34 -20.62 10.88
CA GLU B 57 -28.01 -19.79 12.04
C GLU B 57 -28.72 -20.16 13.34
N VAL B 58 -30.05 -20.33 13.30
CA VAL B 58 -30.84 -20.66 14.49
C VAL B 58 -30.04 -21.01 15.76
N GLU B 59 -29.22 -22.05 15.70
CA GLU B 59 -28.41 -22.43 16.86
C GLU B 59 -27.49 -21.28 17.22
N GLU B 60 -26.81 -20.75 16.22
CA GLU B 60 -25.89 -19.63 16.39
C GLU B 60 -26.58 -18.30 16.69
N PHE B 61 -27.74 -18.09 16.06
CA PHE B 61 -28.51 -16.87 16.27
C PHE B 61 -28.99 -16.86 17.72
N LEU B 62 -29.21 -18.05 18.27
CA LEU B 62 -29.68 -18.21 19.63
C LEU B 62 -28.57 -18.14 20.68
N LYS B 63 -27.38 -18.58 20.30
CA LYS B 63 -26.25 -18.55 21.23
C LYS B 63 -25.80 -17.10 21.40
N GLU B 64 -26.12 -16.28 20.40
CA GLU B 64 -25.79 -14.86 20.42
C GLU B 64 -26.67 -14.18 21.44
N ALA B 65 -27.98 -14.40 21.31
CA ALA B 65 -28.97 -13.83 22.22
C ALA B 65 -28.59 -14.16 23.66
N ALA B 66 -28.21 -15.41 23.91
CA ALA B 66 -27.83 -15.84 25.25
C ALA B 66 -26.62 -15.08 25.78
N VAL B 67 -25.66 -14.79 24.92
CA VAL B 67 -24.46 -14.07 25.33
C VAL B 67 -24.80 -12.65 25.76
N MET B 68 -25.62 -11.99 24.95
CA MET B 68 -26.00 -10.61 25.21
C MET B 68 -26.81 -10.41 26.50
N LYS B 69 -27.43 -11.50 26.98
CA LYS B 69 -28.21 -11.43 28.21
C LYS B 69 -27.24 -11.42 29.40
N GLU B 70 -26.07 -11.99 29.19
CA GLU B 70 -25.04 -12.09 30.23
C GLU B 70 -24.14 -10.87 30.34
N ILE B 71 -24.32 -9.86 29.47
CA ILE B 71 -23.45 -8.69 29.56
C ILE B 71 -24.16 -7.37 29.69
N LYS B 72 -23.64 -6.53 30.57
CA LYS B 72 -24.21 -5.22 30.80
C LYS B 72 -23.11 -4.23 31.12
N HIS B 73 -23.07 -3.13 30.37
CA HIS B 73 -22.05 -2.10 30.56
C HIS B 73 -22.49 -0.89 29.78
N PRO B 74 -22.20 0.32 30.31
CA PRO B 74 -22.59 1.52 29.58
C PRO B 74 -21.92 1.68 28.21
N ASN B 75 -20.84 0.96 27.97
CA ASN B 75 -20.17 1.07 26.68
C ASN B 75 -20.33 -0.17 25.78
N LEU B 76 -21.36 -0.96 26.04
CA LEU B 76 -21.67 -2.13 25.22
C LEU B 76 -23.10 -1.91 24.78
N VAL B 77 -23.37 -2.12 23.49
CA VAL B 77 -24.72 -1.91 22.99
C VAL B 77 -25.73 -2.62 23.91
N GLN B 78 -26.73 -1.87 24.34
CA GLN B 78 -27.74 -2.37 25.27
C GLN B 78 -28.86 -3.21 24.67
N LEU B 79 -28.95 -4.45 25.13
CA LEU B 79 -29.98 -5.38 24.67
C LEU B 79 -31.31 -4.91 25.26
N LEU B 80 -32.35 -4.86 24.44
CA LEU B 80 -33.66 -4.43 24.92
C LEU B 80 -34.63 -5.61 25.06
N GLY B 81 -34.56 -6.55 24.12
CA GLY B 81 -35.43 -7.71 24.19
C GLY B 81 -35.16 -8.69 23.06
N VAL B 82 -35.80 -9.85 23.13
CA VAL B 82 -35.64 -10.88 22.11
C VAL B 82 -36.99 -11.45 21.68
N CYS B 83 -36.98 -12.20 20.59
CA CYS B 83 -38.15 -12.87 20.07
C CYS B 83 -37.70 -14.21 19.54
N THR B 84 -37.30 -15.09 20.45
CA THR B 84 -36.82 -16.42 20.09
C THR B 84 -37.85 -17.53 20.35
N ARG B 85 -39.13 -17.23 20.13
CA ARG B 85 -40.19 -18.22 20.32
C ARG B 85 -40.77 -18.59 18.95
N GLU B 86 -41.76 -17.82 18.50
CA GLU B 86 -42.40 -18.05 17.20
C GLU B 86 -41.35 -17.91 16.08
N PRO B 87 -41.77 -18.11 14.80
CA PRO B 87 -40.87 -18.01 13.63
C PRO B 87 -39.98 -16.76 13.50
N PRO B 88 -40.29 -15.79 12.60
CA PRO B 88 -39.41 -14.62 12.49
C PRO B 88 -38.70 -14.16 13.77
N PHE B 89 -37.53 -14.73 14.03
CA PHE B 89 -36.75 -14.39 15.21
C PHE B 89 -36.25 -12.94 15.20
N TYR B 90 -36.18 -12.33 16.37
CA TYR B 90 -35.70 -10.96 16.53
C TYR B 90 -34.70 -10.88 17.67
N ILE B 91 -33.99 -9.76 17.71
CA ILE B 91 -33.05 -9.43 18.78
C ILE B 91 -33.04 -7.92 18.74
N ILE B 92 -33.74 -7.31 19.70
CA ILE B 92 -33.84 -5.86 19.74
C ILE B 92 -32.77 -5.23 20.62
N THR B 93 -32.18 -4.19 20.07
CA THR B 93 -31.11 -3.44 20.70
C THR B 93 -31.45 -1.96 20.62
N GLU B 94 -30.82 -1.14 21.44
CA GLU B 94 -31.04 0.29 21.40
C GLU B 94 -30.56 0.82 20.05
N PHE B 95 -31.08 1.99 19.65
CA PHE B 95 -30.68 2.59 18.39
C PHE B 95 -29.69 3.70 18.73
N MET B 96 -28.54 3.70 18.05
CA MET B 96 -27.52 4.71 18.29
C MET B 96 -27.61 5.77 17.20
N THR B 97 -28.07 6.95 17.58
CA THR B 97 -28.26 8.06 16.67
C THR B 97 -27.29 8.23 15.50
N TYR B 98 -25.98 8.16 15.75
CA TYR B 98 -25.02 8.38 14.67
C TYR B 98 -24.42 7.22 13.88
N GLY B 99 -24.95 6.01 14.01
CA GLY B 99 -24.42 4.90 13.23
C GLY B 99 -23.07 4.31 13.64
N ASN B 100 -22.53 3.43 12.80
CA ASN B 100 -21.25 2.81 13.10
C ASN B 100 -20.14 3.85 13.14
N LEU B 101 -19.12 3.55 13.95
CA LEU B 101 -17.98 4.41 14.15
C LEU B 101 -17.09 4.64 12.93
N LEU B 102 -16.96 3.65 12.07
CA LEU B 102 -16.11 3.80 10.88
C LEU B 102 -16.63 4.93 10.00
N ASP B 103 -17.89 4.85 9.58
CA ASP B 103 -18.45 5.91 8.74
C ASP B 103 -18.45 7.24 9.50
N TYR B 104 -18.81 7.18 10.78
CA TYR B 104 -18.85 8.38 11.59
C TYR B 104 -17.52 9.14 11.50
N LEU B 105 -16.41 8.44 11.72
CA LEU B 105 -15.10 9.03 11.66
C LEU B 105 -14.79 9.62 10.28
N ARG B 106 -15.25 8.95 9.24
CA ARG B 106 -15.00 9.39 7.89
C ARG B 106 -15.82 10.59 7.46
N GLU B 107 -16.97 10.76 8.07
CA GLU B 107 -17.88 11.84 7.70
C GLU B 107 -18.02 12.97 8.72
N CYS B 108 -17.24 12.93 9.79
CA CYS B 108 -17.38 13.93 10.83
C CYS B 108 -16.69 15.26 10.58
N ASN B 109 -17.07 16.24 11.39
CA ASN B 109 -16.49 17.58 11.36
C ASN B 109 -15.28 17.37 12.27
N ARG B 110 -14.08 17.39 11.70
CA ARG B 110 -12.87 17.17 12.50
C ARG B 110 -12.53 18.25 13.52
N GLN B 111 -13.18 19.40 13.44
CA GLN B 111 -12.92 20.46 14.40
C GLN B 111 -13.69 20.12 15.66
N GLU B 112 -14.79 19.40 15.48
CA GLU B 112 -15.63 18.96 16.59
C GLU B 112 -15.05 17.65 17.15
N VAL B 113 -14.80 16.69 16.27
CA VAL B 113 -14.23 15.40 16.68
C VAL B 113 -12.72 15.59 16.69
N SER B 114 -12.24 16.38 17.64
CA SER B 114 -10.83 16.69 17.78
C SER B 114 -10.03 15.63 18.52
N ALA B 115 -8.74 15.89 18.69
CA ALA B 115 -7.85 14.98 19.36
C ALA B 115 -8.37 14.46 20.70
N VAL B 116 -8.96 15.32 21.51
CA VAL B 116 -9.46 14.92 22.82
C VAL B 116 -10.69 14.02 22.69
N VAL B 117 -11.47 14.22 21.63
CA VAL B 117 -12.64 13.39 21.43
C VAL B 117 -12.23 12.00 20.97
N LEU B 118 -11.16 11.90 20.18
CA LEU B 118 -10.69 10.60 19.70
C LEU B 118 -10.21 9.78 20.89
N LEU B 119 -9.50 10.45 21.78
CA LEU B 119 -8.98 9.80 22.98
C LEU B 119 -10.14 9.35 23.86
N TYR B 120 -11.19 10.16 23.93
CA TYR B 120 -12.36 9.81 24.71
C TYR B 120 -12.99 8.56 24.11
N MET B 121 -13.07 8.50 22.78
CA MET B 121 -13.67 7.35 22.13
C MET B 121 -12.86 6.08 22.41
N ALA B 122 -11.54 6.18 22.42
CA ALA B 122 -10.70 5.02 22.68
C ALA B 122 -10.80 4.58 24.14
N THR B 123 -11.02 5.52 25.05
CA THR B 123 -11.11 5.18 26.45
C THR B 123 -12.39 4.38 26.69
N GLN B 124 -13.49 4.81 26.08
CA GLN B 124 -14.77 4.13 26.21
C GLN B 124 -14.68 2.69 25.71
N ILE B 125 -14.10 2.50 24.54
CA ILE B 125 -13.96 1.17 23.97
C ILE B 125 -13.11 0.26 24.86
N SER B 126 -11.98 0.77 25.34
CA SER B 126 -11.12 -0.03 26.19
C SER B 126 -11.87 -0.39 27.49
N SER B 127 -12.80 0.44 27.90
CA SER B 127 -13.56 0.17 29.12
C SER B 127 -14.47 -1.03 28.90
N ALA B 128 -15.18 -1.04 27.76
CA ALA B 128 -16.06 -2.14 27.42
C ALA B 128 -15.23 -3.44 27.31
N MET B 129 -14.04 -3.34 26.73
CA MET B 129 -13.19 -4.51 26.58
C MET B 129 -12.59 -4.98 27.90
N GLU B 130 -12.35 -4.07 28.83
CA GLU B 130 -11.81 -4.46 30.13
C GLU B 130 -12.89 -5.26 30.86
N TYR B 131 -14.13 -4.85 30.64
CA TYR B 131 -15.28 -5.52 31.24
C TYR B 131 -15.37 -6.93 30.69
N LEU B 132 -15.28 -7.06 29.37
CA LEU B 132 -15.35 -8.34 28.70
C LEU B 132 -14.18 -9.24 29.08
N GLU B 133 -13.02 -8.64 29.33
CA GLU B 133 -11.84 -9.39 29.72
C GLU B 133 -12.09 -10.03 31.07
N LYS B 134 -12.65 -9.22 31.96
CA LYS B 134 -12.97 -9.64 33.33
C LYS B 134 -13.99 -10.79 33.28
N LYS B 135 -14.96 -10.65 32.39
CA LYS B 135 -16.02 -11.63 32.23
C LYS B 135 -15.54 -12.88 31.49
N ASN B 136 -14.29 -12.86 31.02
CA ASN B 136 -13.74 -13.98 30.28
C ASN B 136 -14.48 -14.20 28.95
N PHE B 137 -15.00 -13.11 28.38
CA PHE B 137 -15.70 -13.17 27.10
C PHE B 137 -14.74 -12.73 26.00
N ILE B 138 -14.82 -13.38 24.84
CA ILE B 138 -13.95 -13.02 23.72
C ILE B 138 -14.84 -12.39 22.66
N HIS B 139 -14.38 -11.29 22.06
CA HIS B 139 -15.19 -10.61 21.04
C HIS B 139 -15.01 -11.21 19.65
N ARG B 140 -13.76 -11.37 19.23
CA ARG B 140 -13.42 -11.96 17.92
C ARG B 140 -13.57 -11.09 16.67
N ASP B 141 -14.21 -9.93 16.78
CA ASP B 141 -14.33 -9.09 15.60
C ASP B 141 -14.34 -7.61 15.94
N LEU B 142 -13.42 -7.22 16.82
CA LEU B 142 -13.31 -5.83 17.24
C LEU B 142 -12.74 -5.00 16.11
N ALA B 143 -13.50 -3.99 15.72
CA ALA B 143 -13.14 -3.11 14.62
C ALA B 143 -14.11 -1.95 14.67
N ALA B 144 -13.70 -0.82 14.09
CA ALA B 144 -14.53 0.36 14.09
C ALA B 144 -15.90 0.12 13.45
N ARG B 145 -15.95 -0.70 12.40
CA ARG B 145 -17.22 -0.99 11.74
C ARG B 145 -18.20 -1.66 12.72
N ASN B 146 -17.67 -2.17 13.83
CA ASN B 146 -18.50 -2.82 14.82
C ASN B 146 -18.83 -1.99 16.03
N CYS B 147 -18.42 -0.72 16.02
CA CYS B 147 -18.74 0.18 17.12
C CYS B 147 -19.81 1.15 16.66
N LEU B 148 -20.57 1.68 17.62
CA LEU B 148 -21.66 2.62 17.34
C LEU B 148 -21.43 3.94 18.07
N VAL B 149 -21.93 5.03 17.52
CA VAL B 149 -21.75 6.32 18.17
C VAL B 149 -23.08 6.95 18.53
N GLY B 150 -23.18 7.46 19.75
CA GLY B 150 -24.41 8.11 20.19
C GLY B 150 -24.22 9.61 20.34
N GLU B 151 -25.09 10.22 21.13
CA GLU B 151 -25.02 11.65 21.39
C GLU B 151 -23.85 11.90 22.35
N ASN B 152 -23.19 13.05 22.17
CA ASN B 152 -22.06 13.41 23.00
C ASN B 152 -20.86 12.49 22.86
N HIS B 153 -20.64 12.00 21.63
CA HIS B 153 -19.52 11.12 21.34
C HIS B 153 -19.50 9.88 22.22
N LEU B 154 -20.70 9.40 22.56
CA LEU B 154 -20.83 8.19 23.37
C LEU B 154 -20.55 7.07 22.38
N VAL B 155 -19.66 6.15 22.73
CA VAL B 155 -19.32 5.05 21.82
C VAL B 155 -19.58 3.70 22.46
N LYS B 156 -20.22 2.81 21.71
CA LYS B 156 -20.48 1.47 22.22
C LYS B 156 -20.02 0.39 21.27
N VAL B 157 -19.47 -0.69 21.84
CA VAL B 157 -19.00 -1.83 21.08
C VAL B 157 -20.19 -2.74 20.79
N ALA B 158 -20.22 -3.31 19.60
CA ALA B 158 -21.29 -4.23 19.23
C ALA B 158 -20.68 -5.33 18.41
N ASP B 159 -21.52 -6.10 17.73
CA ASP B 159 -21.06 -7.18 16.88
C ASP B 159 -22.19 -7.44 15.91
N PHE B 160 -22.00 -6.99 14.68
CA PHE B 160 -23.03 -7.13 13.67
C PHE B 160 -22.98 -8.39 12.81
N GLY B 161 -22.05 -9.29 13.11
CA GLY B 161 -21.94 -10.50 12.32
C GLY B 161 -21.80 -10.13 10.85
N LEU B 162 -20.86 -9.23 10.59
CA LEU B 162 -20.60 -8.71 9.24
C LEU B 162 -19.83 -9.60 8.27
N SER B 163 -19.19 -10.66 8.77
CA SER B 163 -18.44 -11.55 7.90
C SER B 163 -19.29 -12.03 6.74
N ARG B 164 -20.61 -11.90 6.90
CA ARG B 164 -21.59 -12.31 5.88
C ARG B 164 -21.92 -11.16 4.92
N THR B 170 -12.39 -6.65 3.29
CA THR B 170 -12.55 -6.63 4.77
C THR B 170 -12.52 -8.04 5.34
N TYR B 171 -13.32 -8.93 4.78
CA TYR B 171 -13.32 -10.30 5.26
C TYR B 171 -12.91 -11.28 4.17
N THR B 172 -11.64 -11.66 4.16
CA THR B 172 -11.16 -12.62 3.16
C THR B 172 -11.52 -14.01 3.66
N ALA B 173 -12.08 -14.83 2.76
CA ALA B 173 -12.49 -16.18 3.12
C ALA B 173 -11.38 -17.10 3.62
N HIS B 174 -11.74 -17.98 4.55
CA HIS B 174 -10.84 -18.96 5.13
C HIS B 174 -11.66 -20.15 5.59
N ALA B 175 -11.84 -21.12 4.70
CA ALA B 175 -12.60 -22.32 5.02
C ALA B 175 -14.00 -22.09 5.59
N GLY B 176 -14.93 -21.73 4.70
CA GLY B 176 -16.30 -21.49 5.11
C GLY B 176 -16.43 -20.42 6.18
N ALA B 177 -15.29 -19.87 6.59
CA ALA B 177 -15.25 -18.84 7.62
C ALA B 177 -14.47 -17.63 7.12
N LYS B 178 -15.14 -16.49 7.06
CA LYS B 178 -14.52 -15.25 6.60
C LYS B 178 -13.77 -14.62 7.77
N PHE B 179 -12.58 -14.09 7.50
CA PHE B 179 -11.77 -13.45 8.54
C PHE B 179 -11.25 -12.08 8.11
N PRO B 180 -11.36 -11.08 9.00
CA PRO B 180 -10.87 -9.74 8.65
C PRO B 180 -9.36 -9.81 8.89
N ILE B 181 -8.65 -10.34 7.90
CA ILE B 181 -7.20 -10.52 7.97
C ILE B 181 -6.43 -9.36 8.59
N LYS B 182 -6.75 -8.14 8.19
CA LYS B 182 -6.02 -6.99 8.70
C LYS B 182 -6.23 -6.62 10.17
N TRP B 183 -7.24 -7.22 10.81
CA TRP B 183 -7.55 -7.01 12.22
C TRP B 183 -7.19 -8.25 13.04
N THR B 184 -6.86 -9.34 12.36
CA THR B 184 -6.55 -10.61 13.02
C THR B 184 -5.12 -10.82 13.50
N ALA B 185 -4.96 -11.22 14.75
CA ALA B 185 -3.64 -11.45 15.31
C ALA B 185 -2.96 -12.63 14.61
N PRO B 186 -1.61 -12.68 14.63
CA PRO B 186 -0.80 -13.74 14.01
C PRO B 186 -1.23 -15.17 14.36
N GLU B 187 -1.33 -15.45 15.66
CA GLU B 187 -1.72 -16.78 16.14
C GLU B 187 -3.12 -17.18 15.66
N SER B 188 -3.99 -16.20 15.45
CA SER B 188 -5.35 -16.49 15.00
C SER B 188 -5.35 -16.87 13.53
N LEU B 189 -4.37 -16.32 12.80
CA LEU B 189 -4.24 -16.59 11.38
C LEU B 189 -3.50 -17.92 11.17
N ALA B 190 -2.52 -18.19 12.03
CA ALA B 190 -1.74 -19.40 11.94
C ALA B 190 -2.42 -20.63 12.52
N TYR B 191 -2.57 -20.64 13.84
CA TYR B 191 -3.16 -21.78 14.53
C TYR B 191 -4.66 -21.65 14.78
N ASN B 192 -5.26 -20.60 14.25
CA ASN B 192 -6.69 -20.40 14.43
C ASN B 192 -7.05 -20.28 15.91
N LYS B 193 -6.12 -19.80 16.72
CA LYS B 193 -6.36 -19.66 18.16
C LYS B 193 -6.84 -18.25 18.51
N PHE B 194 -8.08 -18.15 19.02
CA PHE B 194 -8.65 -16.87 19.42
C PHE B 194 -8.73 -16.72 20.93
N SER B 195 -8.10 -15.68 21.44
CA SER B 195 -8.11 -15.40 22.87
C SER B 195 -8.37 -13.92 23.07
N ILE B 196 -8.45 -13.51 24.34
CA ILE B 196 -8.69 -12.12 24.67
C ILE B 196 -7.46 -11.29 24.25
N LYS B 197 -6.32 -11.96 24.09
CA LYS B 197 -5.10 -11.29 23.66
C LYS B 197 -5.15 -11.01 22.15
N SER B 198 -6.00 -11.75 21.42
CA SER B 198 -6.12 -11.49 19.99
C SER B 198 -7.13 -10.34 19.82
N ASP B 199 -7.91 -10.08 20.86
CA ASP B 199 -8.87 -8.98 20.84
C ASP B 199 -8.03 -7.73 21.05
N VAL B 200 -6.99 -7.87 21.88
CA VAL B 200 -6.08 -6.78 22.18
C VAL B 200 -5.36 -6.36 20.89
N TRP B 201 -5.02 -7.35 20.06
CA TRP B 201 -4.36 -7.08 18.79
C TRP B 201 -5.34 -6.29 17.93
N ALA B 202 -6.58 -6.74 17.87
CA ALA B 202 -7.59 -6.08 17.06
C ALA B 202 -7.81 -4.65 17.57
N PHE B 203 -7.74 -4.45 18.88
CA PHE B 203 -7.92 -3.13 19.47
C PHE B 203 -6.81 -2.18 18.98
N GLY B 204 -5.59 -2.69 18.88
CA GLY B 204 -4.50 -1.86 18.39
C GLY B 204 -4.85 -1.33 17.00
N VAL B 205 -5.44 -2.19 16.16
CA VAL B 205 -5.80 -1.78 14.81
C VAL B 205 -6.96 -0.80 14.86
N LEU B 206 -7.87 -1.02 15.81
CA LEU B 206 -9.02 -0.14 15.97
C LEU B 206 -8.51 1.26 16.33
N LEU B 207 -7.48 1.31 17.17
CA LEU B 207 -6.88 2.58 17.56
C LEU B 207 -6.34 3.28 16.32
N TRP B 208 -5.69 2.52 15.45
CA TRP B 208 -5.14 3.09 14.24
C TRP B 208 -6.28 3.67 13.39
N GLU B 209 -7.40 2.97 13.33
CA GLU B 209 -8.54 3.44 12.56
C GLU B 209 -9.03 4.78 13.08
N ILE B 210 -9.08 4.91 14.40
CA ILE B 210 -9.55 6.14 15.03
C ILE B 210 -8.56 7.27 14.82
N ALA B 211 -7.28 6.99 15.00
CA ALA B 211 -6.24 8.01 14.82
C ALA B 211 -6.21 8.57 13.39
N THR B 212 -6.64 7.77 12.41
CA THR B 212 -6.64 8.19 11.00
C THR B 212 -8.01 8.60 10.51
N TYR B 213 -8.99 8.67 11.42
CA TYR B 213 -10.34 9.05 11.05
C TYR B 213 -10.95 8.07 10.05
N GLY B 214 -10.70 6.78 10.25
CA GLY B 214 -11.30 5.78 9.40
C GLY B 214 -10.61 5.28 8.13
N MET B 215 -9.29 5.37 8.04
CA MET B 215 -8.58 4.86 6.86
C MET B 215 -8.55 3.33 7.01
N SER B 216 -8.34 2.63 5.90
CA SER B 216 -8.24 1.17 5.91
C SER B 216 -6.84 0.79 6.36
N PRO B 217 -6.71 -0.22 7.22
CA PRO B 217 -5.43 -0.69 7.74
C PRO B 217 -4.49 -1.17 6.61
N TYR B 218 -3.19 -1.08 6.84
CA TYR B 218 -2.18 -1.49 5.85
C TYR B 218 -2.63 -1.03 4.47
N PRO B 219 -2.85 0.29 4.31
CA PRO B 219 -3.28 0.82 3.01
C PRO B 219 -2.33 0.44 1.85
N GLY B 220 -2.91 -0.08 0.77
CA GLY B 220 -2.11 -0.47 -0.39
C GLY B 220 -1.53 -1.88 -0.39
N ILE B 221 -1.26 -2.43 0.78
CA ILE B 221 -0.69 -3.76 0.89
C ILE B 221 -1.74 -4.85 0.67
N ASP B 222 -1.41 -5.89 -0.11
CA ASP B 222 -2.36 -6.96 -0.34
C ASP B 222 -2.38 -7.98 0.80
N LEU B 223 -3.58 -8.46 1.10
CA LEU B 223 -3.79 -9.41 2.17
C LEU B 223 -2.79 -10.55 2.26
N SER B 224 -2.50 -11.18 1.13
CA SER B 224 -1.56 -12.30 1.08
C SER B 224 -0.18 -12.04 1.66
N GLN B 225 0.21 -10.78 1.74
CA GLN B 225 1.52 -10.39 2.26
C GLN B 225 1.52 -9.96 3.74
N VAL B 226 0.34 -9.72 4.29
CA VAL B 226 0.23 -9.24 5.66
C VAL B 226 0.91 -10.11 6.72
N TYR B 227 0.65 -11.40 6.73
CA TYR B 227 1.27 -12.27 7.74
C TYR B 227 2.79 -12.25 7.60
N GLU B 228 3.25 -12.48 6.38
CA GLU B 228 4.66 -12.47 6.04
C GLU B 228 5.29 -11.21 6.64
N LEU B 229 4.74 -10.05 6.26
CA LEU B 229 5.24 -8.78 6.74
C LEU B 229 5.31 -8.68 8.26
N LEU B 230 4.24 -9.13 8.92
CA LEU B 230 4.15 -9.10 10.38
C LEU B 230 5.23 -9.97 11.02
N GLU B 231 5.51 -11.12 10.41
CA GLU B 231 6.54 -12.02 10.92
C GLU B 231 7.90 -11.35 10.83
N LYS B 232 8.10 -10.55 9.79
CA LYS B 232 9.36 -9.83 9.58
C LYS B 232 9.39 -8.56 10.40
N ASP B 233 8.45 -8.45 11.34
CA ASP B 233 8.35 -7.32 12.25
C ASP B 233 7.84 -6.01 11.68
N TYR B 234 7.14 -6.07 10.55
CA TYR B 234 6.57 -4.86 9.96
C TYR B 234 5.32 -4.48 10.74
N ARG B 235 5.14 -3.18 10.95
CA ARG B 235 3.97 -2.68 11.67
C ARG B 235 3.57 -1.33 11.08
N MET B 236 2.28 -1.02 11.10
CA MET B 236 1.83 0.26 10.57
C MET B 236 2.57 1.37 11.30
N GLU B 237 2.81 2.48 10.61
CA GLU B 237 3.54 3.59 11.21
C GLU B 237 2.63 4.57 11.91
N ARG B 238 3.17 5.29 12.88
CA ARG B 238 2.40 6.27 13.64
C ARG B 238 1.66 7.17 12.67
N PRO B 239 0.32 7.23 12.81
CA PRO B 239 -0.45 8.09 11.89
C PRO B 239 -0.09 9.56 12.10
N GLU B 240 -0.43 10.40 11.12
CA GLU B 240 -0.14 11.82 11.22
C GLU B 240 -0.94 12.42 12.38
N GLY B 241 -0.23 13.10 13.29
CA GLY B 241 -0.88 13.73 14.42
C GLY B 241 -1.20 12.81 15.58
N CYS B 242 -0.79 11.55 15.48
CA CYS B 242 -1.06 10.60 16.56
C CYS B 242 -0.06 10.79 17.68
N PRO B 243 -0.54 11.02 18.90
CA PRO B 243 0.40 11.20 20.01
C PRO B 243 1.29 9.99 20.24
N GLU B 244 2.52 10.27 20.67
CA GLU B 244 3.51 9.24 20.92
C GLU B 244 3.05 8.15 21.86
N LYS B 245 2.44 8.54 22.98
CA LYS B 245 1.96 7.59 23.98
C LYS B 245 0.90 6.65 23.40
N VAL B 246 0.01 7.20 22.58
CA VAL B 246 -1.03 6.39 21.97
C VAL B 246 -0.41 5.37 21.01
N TYR B 247 0.52 5.84 20.18
CA TYR B 247 1.19 4.96 19.23
C TYR B 247 1.97 3.85 19.92
N GLU B 248 2.62 4.19 21.03
CA GLU B 248 3.41 3.22 21.79
C GLU B 248 2.48 2.12 22.32
N LEU B 249 1.23 2.50 22.57
CA LEU B 249 0.24 1.56 23.07
C LEU B 249 -0.17 0.65 21.92
N MET B 250 -0.30 1.25 20.74
CA MET B 250 -0.66 0.53 19.51
C MET B 250 0.39 -0.57 19.28
N ARG B 251 1.64 -0.19 19.47
CA ARG B 251 2.79 -1.06 19.31
C ARG B 251 2.76 -2.22 20.31
N ALA B 252 2.40 -1.93 21.55
CA ALA B 252 2.34 -2.95 22.58
C ALA B 252 1.24 -3.96 22.25
N CYS B 253 0.16 -3.48 21.64
CA CYS B 253 -0.95 -4.35 21.27
C CYS B 253 -0.55 -5.26 20.11
N TRP B 254 0.47 -4.85 19.35
CA TRP B 254 0.90 -5.63 18.21
C TRP B 254 2.12 -6.52 18.46
N GLN B 255 2.36 -6.86 19.73
CA GLN B 255 3.49 -7.72 20.06
C GLN B 255 3.24 -9.09 19.43
N TRP B 256 4.26 -9.65 18.79
CA TRP B 256 4.12 -10.96 18.13
C TRP B 256 3.63 -12.04 19.10
N ASN B 257 4.21 -12.06 20.29
CA ASN B 257 3.82 -13.04 21.30
C ASN B 257 2.64 -12.47 22.09
N PRO B 258 1.47 -13.12 22.02
CA PRO B 258 0.27 -12.66 22.74
C PRO B 258 0.44 -12.41 24.23
N SER B 259 1.30 -13.17 24.89
CA SER B 259 1.54 -12.99 26.31
C SER B 259 2.25 -11.67 26.61
N ASP B 260 2.92 -11.12 25.61
CA ASP B 260 3.64 -9.85 25.78
C ASP B 260 2.73 -8.65 25.58
N ARG B 261 1.52 -8.90 25.07
CA ARG B 261 0.56 -7.83 24.84
C ARG B 261 -0.09 -7.42 26.15
N PRO B 262 -0.30 -6.11 26.33
CA PRO B 262 -0.94 -5.69 27.59
C PRO B 262 -2.38 -6.18 27.68
N SER B 263 -2.92 -6.20 28.90
CA SER B 263 -4.30 -6.61 29.10
C SER B 263 -5.17 -5.38 28.91
N PHE B 264 -6.47 -5.56 28.76
CA PHE B 264 -7.33 -4.41 28.57
C PHE B 264 -7.41 -3.55 29.84
N ALA B 265 -7.16 -4.16 31.00
CA ALA B 265 -7.20 -3.44 32.26
C ALA B 265 -6.11 -2.37 32.27
N GLU B 266 -4.89 -2.75 31.88
CA GLU B 266 -3.81 -1.78 31.85
C GLU B 266 -3.95 -0.80 30.69
N ILE B 267 -4.56 -1.23 29.60
CA ILE B 267 -4.77 -0.35 28.45
C ILE B 267 -5.76 0.73 28.86
N HIS B 268 -6.83 0.32 29.55
CA HIS B 268 -7.85 1.26 30.01
C HIS B 268 -7.22 2.24 30.97
N GLN B 269 -6.38 1.71 31.84
CA GLN B 269 -5.68 2.50 32.84
C GLN B 269 -4.91 3.58 32.12
N ALA B 270 -4.07 3.14 31.20
CA ALA B 270 -3.23 4.05 30.43
C ALA B 270 -4.02 5.19 29.80
N PHE B 271 -5.17 4.86 29.22
CA PHE B 271 -6.00 5.87 28.59
C PHE B 271 -6.62 6.82 29.60
N GLU B 272 -7.10 6.26 30.70
CA GLU B 272 -7.72 7.05 31.76
C GLU B 272 -6.74 8.13 32.20
N THR B 273 -5.53 7.71 32.51
CA THR B 273 -4.46 8.60 32.92
C THR B 273 -4.23 9.64 31.84
N MET B 274 -3.96 9.14 30.65
CA MET B 274 -3.69 9.96 29.49
C MET B 274 -4.86 10.93 29.25
N PHE B 275 -6.06 10.51 29.64
CA PHE B 275 -7.23 11.35 29.46
C PHE B 275 -7.11 12.63 30.28
N GLN B 276 -6.04 12.70 31.08
CA GLN B 276 -5.77 13.90 31.87
C GLN B 276 -5.31 14.92 30.82
N GLU B 277 -5.72 16.18 30.99
CA GLU B 277 -5.36 17.22 30.03
C GLU B 277 -6.15 16.97 28.74
C1 PRC C . 10.12 10.93 -24.82
C2 PRC C . 10.45 10.40 -26.08
N3 PRC C . 11.74 10.40 -26.50
C4 PRC C . 12.76 10.87 -25.75
C5 PRC C . 12.50 11.43 -24.47
C6 PRC C . 11.16 11.44 -24.00
C7 PRC C . 13.60 11.94 -23.68
N8 PRC C . 14.86 11.80 -24.19
C9 PRC C . 15.96 12.25 -23.56
N10 PRC C . 15.81 12.87 -22.35
C11 PRC C . 14.58 13.03 -21.77
C12 PRC C . 13.44 12.56 -22.43
N13 PRC C . 17.19 12.10 -24.09
C14 PRC C . 18.34 12.66 -23.53
C15 PRC C . 19.17 11.80 -22.74
C16 PRC C . 20.37 12.31 -22.15
C17 PRC C . 20.69 13.63 -22.37
C18 PRC C . 19.88 14.48 -23.15
C19 PRC C . 18.70 14.00 -23.76
C20 PRC C . 17.94 15.01 -24.57
N21 PRC C . 21.24 11.50 -21.40
C22 PRC C . 21.14 10.21 -21.06
C23 PRC C . 22.25 9.60 -20.33
C25 PRC C . 22.56 8.23 -20.57
C26 PRC C . 23.63 7.61 -19.88
C27 PRC C . 24.40 8.40 -18.99
N28 PRC C . 24.08 9.71 -18.79
C29 PRC C . 23.04 10.32 -19.43
O29 PRC C . 20.18 9.50 -21.35
C1 PRC D . -26.95 2.13 13.50
C2 PRC D . -27.52 2.79 14.59
N3 PRC D . -27.95 2.10 15.67
C4 PRC D . -27.84 0.73 15.76
C5 PRC D . -27.26 -0.01 14.70
C6 PRC D . -26.82 0.70 13.56
C7 PRC D . -27.17 -1.47 14.80
N8 PRC D . -27.07 -2.06 16.05
C9 PRC D . -26.99 -3.41 16.23
N10 PRC D . -27.00 -4.21 15.10
C11 PRC D . -27.09 -3.69 13.86
C12 PRC D . -27.18 -2.30 13.67
N13 PRC D . -26.89 -3.99 17.45
C14 PRC D . -27.05 -5.36 17.71
C15 PRC D . -25.91 -6.03 18.26
C16 PRC D . -25.98 -7.45 18.56
C17 PRC D . -27.18 -8.12 18.30
C18 PRC D . -28.29 -7.47 17.76
C19 PRC D . -28.26 -6.08 17.46
C20 PRC D . -29.56 -5.53 16.88
N21 PRC D . -24.89 -8.15 19.13
C22 PRC D . -23.93 -7.66 19.93
C23 PRC D . -22.89 -8.55 20.49
C25 PRC D . -21.88 -8.04 21.36
C26 PRC D . -20.89 -8.90 21.90
C27 PRC D . -20.93 -10.27 21.56
N28 PRC D . -21.91 -10.73 20.73
C29 PRC D . -22.87 -9.93 20.19
O29 PRC D . -23.86 -6.48 20.26
#